data_5KC7
#
_entry.id   5KC7
#
_cell.length_a   187.450
_cell.length_b   187.450
_cell.length_c   187.450
_cell.angle_alpha   90.00
_cell.angle_beta   90.00
_cell.angle_gamma   90.00
#
_symmetry.space_group_name_H-M   'I 21 3'
#
_entity_poly.entity_id   1
_entity_poly.type   'polypeptide(L)'
_entity_poly.pdbx_seq_one_letter_code
;ETGETEPIVLEGKCLVVCDSNPTSDPTGTALGISSAKVAFSAIRSTNHEPSEMSNRTMIIYFDQVLVNIGNNFDSERSTF
IAPRKGIYSFNFHVVKVYNRQTIQVSLMLNGWPVISAFAGDQDVTREAASNGVLIQMEKGDRAYLKLERGNLMGGWKYST
FSGFLVFPLGTKHHHHHH
;
_entity_poly.pdbx_strand_id   A,B,C,D
#
# COMPACT_ATOMS: atom_id res chain seq x y z
N SER A 35 -6.78 -19.73 -19.30
CA SER A 35 -7.68 -18.87 -18.54
C SER A 35 -6.93 -17.74 -17.85
N ALA A 36 -7.03 -16.55 -18.41
CA ALA A 36 -6.42 -15.35 -17.83
C ALA A 36 -7.41 -14.59 -16.97
N LYS A 37 -8.57 -15.21 -16.72
CA LYS A 37 -9.62 -14.59 -15.92
C LYS A 37 -9.56 -15.12 -14.49
N VAL A 38 -9.10 -14.28 -13.58
CA VAL A 38 -9.00 -14.64 -12.16
C VAL A 38 -9.34 -13.43 -11.30
N ALA A 39 -10.32 -13.60 -10.43
CA ALA A 39 -10.77 -12.50 -9.57
C ALA A 39 -11.57 -13.03 -8.39
N PHE A 40 -11.47 -12.35 -7.26
CA PHE A 40 -12.22 -12.71 -6.07
C PHE A 40 -12.64 -11.47 -5.29
N SER A 41 -13.71 -11.61 -4.52
CA SER A 41 -14.23 -10.51 -3.72
C SER A 41 -14.99 -11.05 -2.51
N ALA A 42 -14.62 -10.61 -1.32
CA ALA A 42 -15.22 -11.09 -0.08
C ALA A 42 -15.51 -9.95 0.88
N ILE A 43 -16.54 -10.12 1.70
CA ILE A 43 -16.93 -9.10 2.66
C ILE A 43 -17.30 -9.71 4.02
N ARG A 44 -17.16 -8.90 5.07
CA ARG A 44 -17.63 -9.26 6.40
C ARG A 44 -19.02 -8.67 6.60
N SER A 45 -20.03 -9.54 6.63
CA SER A 45 -21.42 -9.10 6.58
C SER A 45 -22.11 -9.08 7.95
N THR A 46 -21.36 -9.30 9.02
CA THR A 46 -21.97 -9.43 10.34
C THR A 46 -21.15 -8.84 11.49
N ASN A 47 -21.86 -8.49 12.56
CA ASN A 47 -21.26 -7.97 13.78
C ASN A 47 -20.49 -9.02 14.57
N HIS A 48 -20.62 -10.28 14.16
CA HIS A 48 -20.11 -11.42 14.93
C HIS A 48 -18.67 -11.24 15.39
N GLU A 49 -18.38 -11.74 16.59
CA GLU A 49 -17.09 -11.56 17.22
C GLU A 49 -16.05 -12.50 16.61
N PRO A 50 -14.77 -12.21 16.82
CA PRO A 50 -13.70 -13.11 16.37
C PRO A 50 -13.82 -14.50 16.98
N SER A 51 -13.67 -15.53 16.16
CA SER A 51 -13.69 -16.91 16.66
C SER A 51 -12.44 -17.16 17.50
N GLU A 52 -12.47 -18.23 18.28
CA GLU A 52 -11.31 -18.60 19.09
C GLU A 52 -10.12 -18.88 18.17
N MET A 53 -10.42 -19.35 16.95
CA MET A 53 -9.40 -19.59 15.94
C MET A 53 -8.76 -18.27 15.49
N SER A 54 -9.58 -17.24 15.35
CA SER A 54 -9.10 -15.94 14.92
C SER A 54 -8.09 -15.40 15.91
N ASN A 55 -8.38 -15.57 17.20
CA ASN A 55 -7.46 -15.17 18.25
C ASN A 55 -6.09 -15.84 18.16
N ARG A 56 -6.05 -17.07 17.63
CA ARG A 56 -4.80 -17.81 17.56
C ARG A 56 -3.99 -17.42 16.32
N THR A 57 -4.63 -17.46 15.16
CA THR A 57 -3.95 -17.27 13.88
C THR A 57 -3.80 -15.82 13.49
N MET A 58 -4.61 -14.95 14.10
CA MET A 58 -4.58 -13.51 13.82
C MET A 58 -4.99 -13.20 12.38
N ILE A 59 -5.64 -14.15 11.72
CA ILE A 59 -6.10 -13.95 10.35
C ILE A 59 -7.50 -13.34 10.36
N ILE A 60 -7.71 -12.37 9.47
CA ILE A 60 -9.01 -11.72 9.33
C ILE A 60 -9.87 -12.52 8.35
N TYR A 61 -11.01 -13.00 8.82
CA TYR A 61 -11.88 -13.87 8.03
C TYR A 61 -13.07 -13.13 7.45
N PHE A 62 -13.42 -13.48 6.21
CA PHE A 62 -14.56 -12.89 5.51
C PHE A 62 -15.55 -14.00 5.16
N ASP A 63 -16.76 -13.91 5.70
CA ASP A 63 -17.74 -14.98 5.58
C ASP A 63 -18.43 -15.04 4.22
N GLN A 64 -18.70 -13.87 3.64
CA GLN A 64 -19.47 -13.79 2.40
C GLN A 64 -18.60 -13.45 1.19
N VAL A 65 -18.70 -14.29 0.16
CA VAL A 65 -17.92 -14.13 -1.06
C VAL A 65 -18.80 -13.67 -2.21
N LEU A 66 -18.56 -12.46 -2.69
CA LEU A 66 -19.31 -11.88 -3.80
C LEU A 66 -18.81 -12.41 -5.14
N VAL A 67 -17.50 -12.62 -5.22
CA VAL A 67 -16.86 -13.07 -6.46
C VAL A 67 -15.76 -14.07 -6.15
N ASN A 68 -15.65 -15.10 -6.98
CA ASN A 68 -14.55 -16.05 -6.86
C ASN A 68 -14.34 -16.84 -8.15
N ILE A 69 -14.05 -16.11 -9.22
CA ILE A 69 -13.76 -16.72 -10.52
C ILE A 69 -12.45 -17.51 -10.44
N GLY A 70 -12.49 -18.74 -10.93
CA GLY A 70 -11.35 -19.64 -10.84
C GLY A 70 -11.34 -20.38 -9.52
N ASN A 71 -12.23 -19.98 -8.62
CA ASN A 71 -12.32 -20.55 -7.28
C ASN A 71 -10.96 -20.65 -6.59
N ASN A 72 -10.16 -19.60 -6.74
CA ASN A 72 -8.81 -19.56 -6.18
C ASN A 72 -8.78 -18.95 -4.79
N PHE A 73 -9.93 -18.44 -4.33
CA PHE A 73 -10.06 -17.92 -2.98
C PHE A 73 -10.70 -18.94 -2.05
N ASP A 74 -9.99 -19.31 -0.99
CA ASP A 74 -10.50 -20.26 0.00
C ASP A 74 -11.23 -19.51 1.10
N SER A 75 -12.56 -19.59 1.07
CA SER A 75 -13.39 -18.87 2.02
C SER A 75 -13.12 -19.31 3.46
N GLU A 76 -12.84 -20.59 3.64
CA GLU A 76 -12.65 -21.16 4.99
C GLU A 76 -11.45 -20.52 5.69
N ARG A 77 -10.34 -20.38 4.97
CA ARG A 77 -9.12 -19.80 5.52
C ARG A 77 -8.91 -18.37 5.04
N SER A 78 -9.83 -17.87 4.23
CA SER A 78 -9.78 -16.51 3.71
C SER A 78 -8.43 -16.21 3.09
N THR A 79 -7.97 -17.12 2.23
CA THR A 79 -6.68 -17.01 1.59
C THR A 79 -6.79 -17.18 0.07
N PHE A 80 -6.08 -16.33 -0.66
CA PHE A 80 -6.01 -16.43 -2.11
C PHE A 80 -4.76 -17.17 -2.54
N ILE A 81 -4.95 -18.30 -3.22
CA ILE A 81 -3.83 -19.08 -3.77
C ILE A 81 -3.71 -18.83 -5.27
N ALA A 82 -2.63 -18.20 -5.68
CA ALA A 82 -2.41 -17.85 -7.08
C ALA A 82 -2.37 -19.10 -7.97
N PRO A 83 -3.24 -19.16 -8.99
CA PRO A 83 -3.26 -20.31 -9.90
C PRO A 83 -2.12 -20.32 -10.90
N ARG A 84 -1.46 -19.18 -11.07
CA ARG A 84 -0.38 -19.06 -12.07
C ARG A 84 0.48 -17.84 -11.80
N LYS A 85 1.61 -17.77 -12.50
CA LYS A 85 2.51 -16.64 -12.38
C LYS A 85 1.97 -15.42 -13.11
N GLY A 86 1.88 -14.30 -12.41
CA GLY A 86 1.40 -13.06 -13.01
C GLY A 86 1.42 -11.90 -12.03
N ILE A 87 0.91 -10.76 -12.48
CA ILE A 87 0.77 -9.58 -11.62
C ILE A 87 -0.66 -9.51 -11.10
N TYR A 88 -0.79 -9.52 -9.77
CA TYR A 88 -2.10 -9.50 -9.13
C TYR A 88 -2.32 -8.18 -8.41
N SER A 89 -3.57 -7.72 -8.42
CA SER A 89 -3.98 -6.54 -7.68
C SER A 89 -4.71 -6.95 -6.42
N PHE A 90 -4.46 -6.22 -5.33
CA PHE A 90 -5.14 -6.49 -4.07
C PHE A 90 -5.59 -5.20 -3.41
N ASN A 91 -6.77 -5.26 -2.80
CA ASN A 91 -7.32 -4.16 -2.04
C ASN A 91 -8.07 -4.69 -0.83
N PHE A 92 -7.97 -3.99 0.30
CA PHE A 92 -8.71 -4.38 1.48
C PHE A 92 -9.12 -3.17 2.31
N HIS A 93 -10.31 -3.25 2.89
CA HIS A 93 -10.79 -2.27 3.85
C HIS A 93 -11.31 -3.01 5.07
N VAL A 94 -10.61 -2.86 6.19
CA VAL A 94 -11.02 -3.49 7.44
C VAL A 94 -11.67 -2.45 8.34
N VAL A 95 -12.98 -2.56 8.52
CA VAL A 95 -13.75 -1.59 9.27
C VAL A 95 -13.94 -2.06 10.71
N LYS A 96 -13.49 -1.27 11.67
CA LYS A 96 -13.64 -1.62 13.07
C LYS A 96 -14.49 -0.60 13.82
N VAL A 97 -14.89 -0.95 15.03
CA VAL A 97 -15.67 -0.09 15.90
C VAL A 97 -14.90 0.24 17.18
N TYR A 98 -15.45 1.14 17.98
CA TYR A 98 -14.82 1.54 19.24
C TYR A 98 -14.68 0.35 20.16
N ASN A 99 -13.44 -0.09 20.38
CA ASN A 99 -13.15 -1.24 21.22
C ASN A 99 -11.95 -1.06 22.16
N ARG A 100 -11.55 0.19 22.39
CA ARG A 100 -10.44 0.54 23.30
C ARG A 100 -9.08 0.15 22.70
N GLN A 101 -9.09 -0.25 21.43
CA GLN A 101 -7.87 -0.69 20.75
C GLN A 101 -7.60 0.04 19.44
N THR A 102 -6.33 0.19 19.12
CA THR A 102 -5.90 0.63 17.80
C THR A 102 -5.34 -0.58 17.08
N ILE A 103 -5.63 -0.71 15.78
CA ILE A 103 -5.28 -1.91 15.04
C ILE A 103 -4.28 -1.65 13.91
N GLN A 104 -3.68 -2.73 13.44
CA GLN A 104 -2.83 -2.70 12.25
C GLN A 104 -3.10 -3.94 11.43
N VAL A 105 -3.58 -3.75 10.21
CA VAL A 105 -3.84 -4.86 9.30
C VAL A 105 -2.75 -4.90 8.26
N SER A 106 -2.24 -6.10 7.99
CA SER A 106 -1.21 -6.27 6.98
C SER A 106 -1.63 -7.33 5.94
N LEU A 107 -1.34 -7.03 4.68
CA LEU A 107 -1.49 -8.00 3.61
C LEU A 107 -0.29 -8.93 3.62
N MET A 108 -0.55 -10.22 3.76
CA MET A 108 0.52 -11.19 3.90
C MET A 108 0.75 -11.93 2.59
N LEU A 109 2.02 -12.21 2.29
CA LEU A 109 2.40 -13.03 1.15
C LEU A 109 3.31 -14.15 1.61
N ASN A 110 2.78 -15.36 1.70
CA ASN A 110 3.52 -16.51 2.19
C ASN A 110 4.09 -16.22 3.58
N GLY A 111 3.26 -15.67 4.45
CA GLY A 111 3.66 -15.42 5.83
C GLY A 111 4.51 -14.17 6.02
N TRP A 112 4.68 -13.38 4.96
CA TRP A 112 5.47 -12.16 5.05
C TRP A 112 4.62 -10.94 4.72
N PRO A 113 4.76 -9.87 5.52
CA PRO A 113 3.94 -8.67 5.25
C PRO A 113 4.41 -7.92 4.01
N VAL A 114 3.46 -7.47 3.20
CA VAL A 114 3.75 -6.66 2.01
C VAL A 114 3.40 -5.20 2.26
N ILE A 115 2.15 -4.94 2.64
CA ILE A 115 1.70 -3.59 2.96
C ILE A 115 0.90 -3.61 4.25
N SER A 116 0.73 -2.45 4.86
CA SER A 116 0.01 -2.33 6.12
C SER A 116 -0.94 -1.15 6.14
N ALA A 117 -1.95 -1.23 7.00
CA ALA A 117 -2.89 -0.15 7.20
C ALA A 117 -3.21 -0.01 8.68
N PHE A 118 -3.64 1.17 9.09
CA PHE A 118 -3.88 1.46 10.51
C PHE A 118 -5.24 2.11 10.71
N ALA A 119 -5.72 2.07 11.96
CA ALA A 119 -6.99 2.69 12.31
C ALA A 119 -7.01 3.07 13.79
N GLY A 120 -7.30 4.34 14.07
CA GLY A 120 -7.30 4.84 15.43
C GLY A 120 -8.53 4.37 16.19
N ASP A 121 -8.69 4.86 17.42
CA ASP A 121 -9.85 4.50 18.24
C ASP A 121 -10.65 5.72 18.69
N GLN A 122 -11.91 5.80 18.27
CA GLN A 122 -12.82 6.84 18.71
C GLN A 122 -14.27 6.37 18.49
N ASP A 123 -15.21 7.01 19.18
CA ASP A 123 -16.60 6.55 19.21
C ASP A 123 -17.50 7.16 18.13
N VAL A 124 -17.20 8.40 17.71
CA VAL A 124 -18.10 9.13 16.81
C VAL A 124 -18.44 8.38 15.51
N THR A 125 -17.52 7.53 15.04
CA THR A 125 -17.73 6.83 13.78
C THR A 125 -16.91 5.54 13.68
N ARG A 126 -17.24 4.71 12.69
CA ARG A 126 -16.36 3.62 12.31
C ARG A 126 -15.26 4.20 11.44
N GLU A 127 -14.06 3.62 11.50
CA GLU A 127 -13.01 3.96 10.55
C GLU A 127 -12.37 2.68 10.03
N ALA A 128 -11.72 2.79 8.88
CA ALA A 128 -11.22 1.63 8.15
C ALA A 128 -9.71 1.67 7.96
N ALA A 129 -9.09 0.52 8.18
CA ALA A 129 -7.69 0.32 7.81
C ALA A 129 -7.63 -0.17 6.37
N SER A 130 -7.25 0.74 5.46
CA SER A 130 -7.31 0.48 4.03
C SER A 130 -5.97 0.63 3.34
N ASN A 131 -5.70 -0.27 2.41
CA ASN A 131 -4.54 -0.16 1.55
C ASN A 131 -4.67 -1.12 0.37
N GLY A 132 -3.77 -1.00 -0.58
CA GLY A 132 -3.81 -1.84 -1.78
C GLY A 132 -2.48 -1.81 -2.51
N VAL A 133 -2.25 -2.80 -3.37
CA VAL A 133 -0.96 -2.93 -4.02
C VAL A 133 -1.01 -3.91 -5.17
N LEU A 134 -0.10 -3.74 -6.12
CA LEU A 134 0.14 -4.71 -7.18
C LEU A 134 1.40 -5.50 -6.82
N ILE A 135 1.31 -6.83 -6.87
CA ILE A 135 2.47 -7.66 -6.60
C ILE A 135 2.56 -8.83 -7.58
N GLN A 136 3.79 -9.25 -7.86
CA GLN A 136 4.01 -10.44 -8.66
C GLN A 136 3.91 -11.67 -7.76
N MET A 137 3.15 -12.65 -8.22
CA MET A 137 3.01 -13.91 -7.51
C MET A 137 3.29 -15.08 -8.45
N GLU A 138 3.83 -16.16 -7.90
CA GLU A 138 3.97 -17.42 -8.64
C GLU A 138 2.87 -18.37 -8.17
N LYS A 139 2.69 -19.46 -8.91
CA LYS A 139 1.67 -20.45 -8.55
C LYS A 139 1.90 -20.99 -7.15
N GLY A 140 0.81 -21.09 -6.39
CA GLY A 140 0.85 -21.63 -5.04
C GLY A 140 1.23 -20.60 -3.98
N ASP A 141 1.43 -19.36 -4.38
CA ASP A 141 1.68 -18.29 -3.42
C ASP A 141 0.38 -17.95 -2.71
N ARG A 142 0.49 -17.69 -1.40
CA ARG A 142 -0.68 -17.48 -0.56
C ARG A 142 -0.81 -16.02 -0.15
N ALA A 143 -1.99 -15.44 -0.37
CA ALA A 143 -2.28 -14.07 0.02
C ALA A 143 -3.45 -14.01 1.00
N TYR A 144 -3.28 -13.24 2.07
CA TYR A 144 -4.32 -13.13 3.09
C TYR A 144 -4.04 -11.96 4.03
N LEU A 145 -5.03 -11.60 4.86
CA LEU A 145 -4.90 -10.48 5.78
C LEU A 145 -4.67 -10.95 7.21
N LYS A 146 -3.71 -10.33 7.88
CA LYS A 146 -3.40 -10.64 9.27
C LYS A 146 -3.48 -9.39 10.13
N LEU A 147 -4.04 -9.55 11.33
CA LEU A 147 -4.15 -8.46 12.30
C LEU A 147 -2.87 -8.37 13.13
N GLU A 148 -1.98 -7.45 12.74
CA GLU A 148 -0.68 -7.33 13.38
C GLU A 148 -0.74 -6.79 14.81
N ARG A 149 -1.79 -6.05 15.13
CA ARG A 149 -1.92 -5.47 16.46
C ARG A 149 -3.37 -5.12 16.78
N GLY A 150 -3.69 -5.06 18.07
CA GLY A 150 -5.04 -4.77 18.52
C GLY A 150 -5.97 -5.94 18.28
N ASN A 151 -7.27 -5.71 18.47
CA ASN A 151 -8.27 -6.74 18.20
C ASN A 151 -9.48 -6.16 17.50
N LEU A 152 -10.35 -7.05 17.04
CA LEU A 152 -11.56 -6.66 16.32
C LEU A 152 -12.80 -7.04 17.13
N MET A 153 -12.75 -6.82 18.43
CA MET A 153 -13.93 -6.99 19.26
C MET A 153 -14.96 -5.96 18.80
N GLY A 154 -16.23 -6.34 18.81
CA GLY A 154 -17.28 -5.52 18.24
C GLY A 154 -17.48 -5.84 16.78
N GLY A 155 -16.71 -6.82 16.29
CA GLY A 155 -16.83 -7.28 14.92
C GLY A 155 -16.09 -6.38 13.95
N TRP A 156 -16.01 -6.82 12.70
CA TRP A 156 -15.41 -6.02 11.64
C TRP A 156 -16.33 -6.04 10.43
N LYS A 157 -17.61 -5.83 10.70
CA LYS A 157 -18.64 -5.78 9.66
C LYS A 157 -18.32 -4.68 8.66
N TYR A 158 -18.73 -4.89 7.41
CA TYR A 158 -18.49 -3.98 6.27
C TYR A 158 -17.06 -4.03 5.77
N SER A 159 -16.23 -4.88 6.36
CA SER A 159 -14.87 -5.03 5.87
C SER A 159 -14.89 -5.68 4.49
N THR A 160 -13.91 -5.35 3.67
CA THR A 160 -13.85 -5.89 2.30
C THR A 160 -12.44 -6.32 1.96
N PHE A 161 -12.34 -7.37 1.16
CA PHE A 161 -11.07 -7.88 0.66
C PHE A 161 -11.29 -8.42 -0.75
N SER A 162 -10.58 -7.87 -1.72
CA SER A 162 -10.75 -8.25 -3.12
C SER A 162 -9.43 -8.22 -3.86
N GLY A 163 -9.38 -8.92 -4.99
CA GLY A 163 -8.18 -8.98 -5.81
C GLY A 163 -8.44 -9.67 -7.13
N PHE A 164 -7.56 -9.45 -8.09
CA PHE A 164 -7.70 -10.06 -9.41
C PHE A 164 -6.38 -10.10 -10.16
N LEU A 165 -6.28 -11.02 -11.12
CA LEU A 165 -5.11 -11.11 -11.98
C LEU A 165 -5.15 -10.01 -13.03
N VAL A 166 -4.18 -9.11 -12.97
CA VAL A 166 -4.11 -8.02 -13.94
C VAL A 166 -3.69 -8.57 -15.29
N PHE A 167 -2.55 -9.25 -15.29
CA PHE A 167 -2.11 -10.01 -16.46
C PHE A 167 -1.09 -11.08 -16.04
N PRO A 168 -1.07 -12.21 -16.76
CA PRO A 168 -0.13 -13.29 -16.41
C PRO A 168 1.28 -13.00 -16.90
N LEU A 169 2.24 -13.83 -16.50
CA LEU A 169 3.62 -13.70 -16.94
C LEU A 169 4.21 -15.07 -17.26
N SER B 35 2.61 -5.00 -26.75
CA SER B 35 2.62 -5.25 -25.30
C SER B 35 1.57 -4.40 -24.59
N ALA B 36 0.47 -5.04 -24.22
CA ALA B 36 -0.61 -4.38 -23.47
C ALA B 36 -0.44 -4.60 -21.98
N LYS B 37 0.70 -5.16 -21.58
CA LYS B 37 0.99 -5.42 -20.18
C LYS B 37 1.86 -4.33 -19.59
N VAL B 38 1.26 -3.48 -18.76
CA VAL B 38 1.96 -2.38 -18.12
C VAL B 38 1.45 -2.21 -16.70
N ALA B 39 2.36 -2.28 -15.73
CA ALA B 39 1.99 -2.16 -14.33
C ALA B 39 3.19 -1.83 -13.46
N PHE B 40 2.96 -1.06 -12.40
CA PHE B 40 4.02 -0.72 -11.47
C PHE B 40 3.48 -0.67 -10.04
N SER B 41 4.38 -0.87 -9.08
CA SER B 41 4.01 -0.83 -7.67
C SER B 41 5.22 -0.46 -6.82
N ALA B 42 5.08 0.57 -5.99
CA ALA B 42 6.17 1.07 -5.17
C ALA B 42 5.71 1.36 -3.75
N ILE B 43 6.63 1.22 -2.79
CA ILE B 43 6.32 1.46 -1.39
C ILE B 43 7.44 2.24 -0.69
N ARG B 44 7.07 2.94 0.38
CA ARG B 44 8.03 3.59 1.26
C ARG B 44 8.30 2.65 2.44
N SER B 45 9.51 2.09 2.47
CA SER B 45 9.83 1.01 3.40
C SER B 45 10.60 1.46 4.64
N THR B 46 10.77 2.78 4.81
CA THR B 46 11.61 3.28 5.91
C THR B 46 11.11 4.56 6.56
N ASN B 47 11.53 4.75 7.81
CA ASN B 47 11.22 5.94 8.59
C ASN B 47 11.95 7.19 8.09
N HIS B 48 12.89 7.00 7.18
CA HIS B 48 13.81 8.06 6.76
C HIS B 48 13.10 9.37 6.42
N GLU B 49 13.77 10.47 6.76
CA GLU B 49 13.20 11.81 6.61
C GLU B 49 13.23 12.24 5.15
N PRO B 50 12.44 13.26 4.79
CA PRO B 50 12.49 13.84 3.45
C PRO B 50 13.86 14.38 3.10
N SER B 51 14.35 14.07 1.90
CA SER B 51 15.62 14.60 1.45
C SER B 51 15.50 16.09 1.20
N GLU B 52 16.64 16.79 1.10
CA GLU B 52 16.62 18.21 0.81
C GLU B 52 15.96 18.46 -0.54
N MET B 53 16.08 17.48 -1.43
CA MET B 53 15.43 17.54 -2.74
C MET B 53 13.92 17.48 -2.60
N SER B 54 13.45 16.65 -1.67
CA SER B 54 12.01 16.50 -1.45
C SER B 54 11.40 17.82 -1.02
N ASN B 55 12.11 18.53 -0.14
CA ASN B 55 11.68 19.85 0.29
C ASN B 55 11.52 20.85 -0.85
N ARG B 56 12.31 20.69 -1.90
CA ARG B 56 12.26 21.64 -3.01
C ARG B 56 11.15 21.30 -4.01
N THR B 57 11.11 20.04 -4.44
CA THR B 57 10.21 19.61 -5.50
C THR B 57 8.82 19.22 -4.99
N MET B 58 8.72 18.95 -3.69
CA MET B 58 7.46 18.56 -3.05
C MET B 58 6.94 17.24 -3.59
N ILE B 59 7.81 16.46 -4.24
CA ILE B 59 7.43 15.15 -4.75
C ILE B 59 7.63 14.08 -3.69
N ILE B 60 6.66 13.17 -3.59
CA ILE B 60 6.73 12.06 -2.66
C ILE B 60 7.47 10.90 -3.30
N TYR B 61 8.58 10.49 -2.70
CA TYR B 61 9.43 9.46 -3.26
C TYR B 61 9.24 8.10 -2.60
N PHE B 62 9.28 7.05 -3.42
CA PHE B 62 9.14 5.68 -2.96
C PHE B 62 10.41 4.90 -3.31
N ASP B 63 11.10 4.39 -2.29
CA ASP B 63 12.42 3.79 -2.49
C ASP B 63 12.34 2.36 -3.03
N GLN B 64 11.35 1.60 -2.61
CA GLN B 64 11.26 0.18 -2.96
C GLN B 64 10.16 -0.09 -3.99
N VAL B 65 10.54 -0.74 -5.08
CA VAL B 65 9.63 -1.06 -6.17
C VAL B 65 9.31 -2.56 -6.19
N LEU B 66 8.05 -2.89 -5.92
CA LEU B 66 7.60 -4.27 -5.92
C LEU B 66 7.34 -4.77 -7.34
N VAL B 67 6.84 -3.88 -8.19
CA VAL B 67 6.46 -4.22 -9.56
C VAL B 67 6.83 -3.07 -10.50
N ASN B 68 7.33 -3.42 -11.68
CA ASN B 68 7.60 -2.42 -12.71
C ASN B 68 7.69 -3.05 -14.09
N ILE B 69 6.61 -3.70 -14.51
CA ILE B 69 6.53 -4.29 -15.84
C ILE B 69 6.55 -3.20 -16.90
N GLY B 70 7.39 -3.39 -17.91
CA GLY B 70 7.58 -2.39 -18.95
C GLY B 70 8.61 -1.35 -18.53
N ASN B 71 9.03 -1.42 -17.28
CA ASN B 71 9.97 -0.46 -16.68
C ASN B 71 9.61 0.98 -17.01
N ASN B 72 8.32 1.29 -16.90
CA ASN B 72 7.81 2.63 -17.21
C ASN B 72 7.76 3.52 -15.98
N PHE B 73 8.07 2.96 -14.81
CA PHE B 73 8.16 3.72 -13.58
C PHE B 73 9.60 4.05 -13.25
N ASP B 74 9.90 5.34 -13.14
CA ASP B 74 11.25 5.82 -12.79
C ASP B 74 11.37 5.95 -11.28
N SER B 75 12.09 5.00 -10.67
CA SER B 75 12.23 4.97 -9.22
C SER B 75 12.92 6.22 -8.68
N GLU B 76 13.87 6.73 -9.44
CA GLU B 76 14.67 7.89 -9.02
C GLU B 76 13.82 9.13 -8.81
N ARG B 77 12.90 9.38 -9.75
CA ARG B 77 12.02 10.55 -9.69
C ARG B 77 10.61 10.16 -9.27
N SER B 78 10.40 8.86 -9.04
CA SER B 78 9.10 8.33 -8.61
C SER B 78 7.99 8.82 -9.52
N THR B 79 8.22 8.67 -10.83
CA THR B 79 7.28 9.14 -11.84
C THR B 79 6.96 8.04 -12.85
N PHE B 80 5.69 7.90 -13.20
CA PHE B 80 5.26 6.95 -14.22
C PHE B 80 5.09 7.65 -15.57
N ILE B 81 5.87 7.21 -16.55
CA ILE B 81 5.76 7.73 -17.92
C ILE B 81 5.01 6.74 -18.80
N ALA B 82 3.83 7.13 -19.25
CA ALA B 82 2.97 6.26 -20.05
C ALA B 82 3.68 5.86 -21.35
N PRO B 83 3.81 4.55 -21.61
CA PRO B 83 4.45 4.08 -22.85
C PRO B 83 3.56 4.19 -24.08
N ARG B 84 2.25 4.37 -23.86
CA ARG B 84 1.31 4.41 -24.97
C ARG B 84 -0.02 5.03 -24.54
N LYS B 85 -0.86 5.33 -25.52
CA LYS B 85 -2.17 5.89 -25.25
C LYS B 85 -3.13 4.82 -24.75
N GLY B 86 -3.76 5.07 -23.60
CA GLY B 86 -4.71 4.15 -23.04
C GLY B 86 -5.33 4.66 -21.76
N ILE B 87 -6.14 3.81 -21.13
CA ILE B 87 -6.74 4.13 -19.83
C ILE B 87 -5.92 3.48 -18.73
N TYR B 88 -5.40 4.30 -17.82
CA TYR B 88 -4.57 3.83 -16.73
C TYR B 88 -5.29 3.97 -15.39
N SER B 89 -5.04 3.01 -14.50
CA SER B 89 -5.55 3.06 -13.14
C SER B 89 -4.44 3.49 -12.19
N PHE B 90 -4.78 4.31 -11.21
CA PHE B 90 -3.82 4.74 -10.20
C PHE B 90 -4.41 4.69 -8.80
N ASN B 91 -3.59 4.28 -7.86
CA ASN B 91 -3.95 4.26 -6.44
C ASN B 91 -2.75 4.65 -5.60
N PHE B 92 -2.99 5.38 -4.53
CA PHE B 92 -1.93 5.75 -3.61
C PHE B 92 -2.41 5.85 -2.18
N HIS B 93 -1.58 5.42 -1.25
CA HIS B 93 -1.81 5.61 0.18
C HIS B 93 -0.56 6.21 0.79
N VAL B 94 -0.65 7.45 1.24
CA VAL B 94 0.47 8.11 1.90
C VAL B 94 0.24 8.13 3.40
N VAL B 95 1.05 7.34 4.11
CA VAL B 95 0.89 7.18 5.55
C VAL B 95 1.84 8.10 6.30
N LYS B 96 1.30 8.97 7.13
CA LYS B 96 2.12 9.89 7.91
C LYS B 96 1.96 9.65 9.41
N VAL B 97 2.85 10.27 10.18
CA VAL B 97 2.82 10.19 11.63
C VAL B 97 2.60 11.56 12.25
N TYR B 98 2.41 11.60 13.55
CA TYR B 98 2.19 12.86 14.28
C TYR B 98 3.39 13.78 14.12
N ASN B 99 3.20 14.87 13.37
CA ASN B 99 4.26 15.83 13.11
C ASN B 99 3.83 17.29 13.20
N ARG B 100 2.71 17.56 13.87
CA ARG B 100 2.19 18.92 14.07
C ARG B 100 1.62 19.51 12.78
N GLN B 101 1.53 18.69 11.74
CA GLN B 101 1.06 19.14 10.42
C GLN B 101 -0.09 18.31 9.87
N THR B 102 -0.95 18.98 9.10
CA THR B 102 -1.95 18.29 8.29
C THR B 102 -1.48 18.37 6.85
N ILE B 103 -1.67 17.28 6.10
CA ILE B 103 -1.12 17.20 4.75
C ILE B 103 -2.20 17.09 3.68
N GLN B 104 -1.78 17.34 2.43
CA GLN B 104 -2.62 17.11 1.27
C GLN B 104 -1.75 16.54 0.16
N VAL B 105 -2.07 15.32 -0.27
CA VAL B 105 -1.36 14.68 -1.35
C VAL B 105 -2.20 14.73 -2.60
N SER B 106 -1.58 15.08 -3.72
CA SER B 106 -2.28 15.13 -5.00
C SER B 106 -1.58 14.28 -6.05
N LEU B 107 -2.38 13.56 -6.83
CA LEU B 107 -1.86 12.86 -8.00
C LEU B 107 -1.71 13.85 -9.13
N MET B 108 -0.51 13.95 -9.66
CA MET B 108 -0.19 14.95 -10.67
C MET B 108 -0.15 14.32 -12.06
N LEU B 109 -0.65 15.05 -13.05
CA LEU B 109 -0.54 14.65 -14.45
C LEU B 109 0.05 15.78 -15.27
N ASN B 110 1.32 15.64 -15.62
CA ASN B 110 2.05 16.68 -16.35
C ASN B 110 1.99 17.99 -15.59
N GLY B 111 2.24 17.94 -14.29
CA GLY B 111 2.29 19.12 -13.46
C GLY B 111 0.94 19.68 -13.06
N TRP B 112 -0.12 18.94 -13.37
CA TRP B 112 -1.47 19.39 -13.01
C TRP B 112 -2.15 18.38 -12.08
N PRO B 113 -2.82 18.87 -11.02
CA PRO B 113 -3.46 17.94 -10.10
C PRO B 113 -4.71 17.29 -10.70
N VAL B 114 -4.87 15.99 -10.47
CA VAL B 114 -6.04 15.25 -10.92
C VAL B 114 -6.98 14.97 -9.74
N ILE B 115 -6.44 14.31 -8.72
CA ILE B 115 -7.20 14.00 -7.51
C ILE B 115 -6.37 14.34 -6.29
N SER B 116 -7.02 14.47 -5.14
CA SER B 116 -6.33 14.82 -3.90
C SER B 116 -6.82 13.98 -2.72
N ALA B 117 -5.97 13.88 -1.71
CA ALA B 117 -6.31 13.20 -0.47
C ALA B 117 -5.77 13.98 0.71
N PHE B 118 -6.38 13.78 1.88
CA PHE B 118 -6.03 14.55 3.07
C PHE B 118 -5.81 13.63 4.27
N ALA B 119 -5.14 14.16 5.29
CA ALA B 119 -4.88 13.42 6.52
C ALA B 119 -4.69 14.37 7.69
N GLY B 120 -5.47 14.17 8.76
CA GLY B 120 -5.43 15.05 9.91
C GLY B 120 -4.20 14.78 10.75
N ASP B 121 -4.09 15.45 11.90
CA ASP B 121 -2.97 15.24 12.81
C ASP B 121 -3.40 14.80 14.22
N GLN B 122 -2.98 13.61 14.62
CA GLN B 122 -3.23 13.12 15.98
C GLN B 122 -2.22 12.02 16.29
N ASP B 123 -2.04 11.73 17.58
CA ASP B 123 -0.97 10.84 18.05
C ASP B 123 -1.38 9.37 18.17
N VAL B 124 -2.66 9.10 18.46
CA VAL B 124 -3.10 7.73 18.76
C VAL B 124 -2.76 6.71 17.66
N THR B 125 -2.68 7.15 16.41
CA THR B 125 -2.42 6.24 15.30
C THR B 125 -1.83 6.94 14.09
N ARG B 126 -1.33 6.15 13.14
CA ARG B 126 -1.00 6.67 11.82
C ARG B 126 -2.31 6.76 11.02
N GLU B 127 -2.40 7.74 10.13
CA GLU B 127 -3.52 7.76 9.18
C GLU B 127 -2.98 8.05 7.79
N ALA B 128 -3.76 7.69 6.78
CA ALA B 128 -3.32 7.70 5.39
C ALA B 128 -4.15 8.63 4.53
N ALA B 129 -3.47 9.40 3.68
CA ALA B 129 -4.11 10.16 2.63
C ALA B 129 -4.23 9.27 1.39
N SER B 130 -5.45 8.78 1.15
CA SER B 130 -5.68 7.78 0.10
C SER B 130 -6.70 8.23 -0.94
N ASN B 131 -6.41 7.91 -2.19
CA ASN B 131 -7.36 8.12 -3.27
C ASN B 131 -6.90 7.35 -4.50
N GLY B 132 -7.75 7.31 -5.52
CA GLY B 132 -7.46 6.58 -6.73
C GLY B 132 -8.38 7.00 -7.86
N VAL B 133 -7.98 6.72 -9.10
CA VAL B 133 -8.73 7.20 -10.25
C VAL B 133 -8.30 6.51 -11.53
N LEU B 134 -9.20 6.48 -12.50
CA LEU B 134 -8.88 6.06 -13.86
C LEU B 134 -8.74 7.30 -14.72
N ILE B 135 -7.66 7.40 -15.47
CA ILE B 135 -7.47 8.53 -16.37
C ILE B 135 -6.90 8.08 -17.71
N GLN B 136 -7.25 8.82 -18.75
CA GLN B 136 -6.67 8.60 -20.06
C GLN B 136 -5.33 9.33 -20.15
N MET B 137 -4.32 8.63 -20.63
CA MET B 137 -3.00 9.21 -20.83
C MET B 137 -2.52 8.94 -22.24
N GLU B 138 -1.72 9.85 -22.78
CA GLU B 138 -1.03 9.63 -24.05
C GLU B 138 0.43 9.31 -23.74
N LYS B 139 1.16 8.83 -24.74
CA LYS B 139 2.57 8.52 -24.56
C LYS B 139 3.37 9.73 -24.09
N GLY B 140 4.23 9.49 -23.10
CA GLY B 140 5.09 10.53 -22.57
C GLY B 140 4.43 11.40 -21.50
N ASP B 141 3.20 11.06 -21.14
CA ASP B 141 2.53 11.75 -20.04
C ASP B 141 3.13 11.28 -18.72
N ARG B 142 3.30 12.21 -17.79
CA ARG B 142 3.98 11.94 -16.54
C ARG B 142 3.00 11.93 -15.37
N ALA B 143 3.05 10.85 -14.58
CA ALA B 143 2.21 10.72 -13.39
C ALA B 143 3.07 10.56 -12.14
N TYR B 144 2.73 11.31 -11.09
CA TYR B 144 3.48 11.27 -9.84
C TYR B 144 2.71 11.93 -8.71
N LEU B 145 3.19 11.75 -7.48
CA LEU B 145 2.53 12.32 -6.30
C LEU B 145 3.27 13.54 -5.77
N LYS B 146 2.51 14.59 -5.47
CA LYS B 146 3.07 15.83 -4.92
C LYS B 146 2.38 16.18 -3.61
N LEU B 147 3.18 16.64 -2.65
CA LEU B 147 2.68 17.06 -1.35
C LEU B 147 2.25 18.53 -1.41
N GLU B 148 0.96 18.76 -1.58
CA GLU B 148 0.42 20.11 -1.76
C GLU B 148 0.50 20.97 -0.51
N ARG B 149 0.52 20.34 0.66
CA ARG B 149 0.56 21.09 1.91
C ARG B 149 1.10 20.23 3.05
N GLY B 150 1.63 20.89 4.07
CA GLY B 150 2.21 20.21 5.22
C GLY B 150 3.53 19.55 4.86
N ASN B 151 4.05 18.73 5.77
CA ASN B 151 5.28 18.00 5.52
C ASN B 151 5.19 16.56 6.03
N LEU B 152 6.18 15.76 5.65
CA LEU B 152 6.22 14.35 6.04
C LEU B 152 7.41 14.09 6.97
N MET B 153 7.64 15.00 7.90
CA MET B 153 8.63 14.78 8.95
C MET B 153 8.15 13.58 9.76
N GLY B 154 9.10 12.74 10.19
CA GLY B 154 8.76 11.48 10.83
C GLY B 154 8.64 10.38 9.81
N GLY B 155 8.89 10.72 8.55
CA GLY B 155 8.85 9.76 7.46
C GLY B 155 7.45 9.47 6.98
N TRP B 156 7.35 8.73 5.89
CA TRP B 156 6.06 8.30 5.36
C TRP B 156 6.12 6.82 5.04
N LYS B 157 6.67 6.06 5.98
CA LYS B 157 6.80 4.62 5.87
C LYS B 157 5.42 3.98 5.70
N TYR B 158 5.39 2.85 4.98
CA TYR B 158 4.17 2.11 4.66
C TYR B 158 3.33 2.78 3.58
N SER B 159 3.80 3.90 3.04
CA SER B 159 3.09 4.54 1.95
C SER B 159 3.17 3.67 0.71
N THR B 160 2.15 3.73 -0.13
CA THR B 160 2.09 2.92 -1.34
C THR B 160 1.63 3.74 -2.53
N PHE B 161 2.18 3.41 -3.70
CA PHE B 161 1.79 4.03 -4.95
C PHE B 161 1.87 2.98 -6.06
N SER B 162 0.74 2.74 -6.72
CA SER B 162 0.68 1.70 -7.75
C SER B 162 -0.24 2.12 -8.89
N GLY B 163 -0.08 1.47 -10.04
CA GLY B 163 -0.90 1.75 -11.20
C GLY B 163 -0.65 0.76 -12.31
N PHE B 164 -1.57 0.68 -13.26
CA PHE B 164 -1.45 -0.24 -14.38
C PHE B 164 -2.32 0.19 -15.56
N LEU B 165 -1.94 -0.27 -16.75
CA LEU B 165 -2.74 -0.04 -17.95
C LEU B 165 -3.94 -0.95 -17.96
N VAL B 166 -5.13 -0.37 -17.90
CA VAL B 166 -6.36 -1.15 -17.93
C VAL B 166 -6.57 -1.69 -19.33
N PHE B 167 -6.58 -0.79 -20.31
CA PHE B 167 -6.57 -1.17 -21.71
C PHE B 167 -6.07 -0.02 -22.58
N PRO B 168 -5.41 -0.33 -23.70
CA PRO B 168 -4.90 0.74 -24.56
C PRO B 168 -5.99 1.35 -25.44
N LEU B 169 -5.66 2.42 -26.15
CA LEU B 169 -6.60 3.07 -27.06
C LEU B 169 -5.89 3.47 -28.34
N SER C 35 -16.33 -5.72 -27.82
CA SER C 35 -15.67 -4.68 -27.05
C SER C 35 -15.59 -5.05 -25.56
N ALA C 36 -14.40 -5.47 -25.13
CA ALA C 36 -14.17 -5.81 -23.74
C ALA C 36 -13.57 -4.63 -22.98
N LYS C 37 -13.56 -3.47 -23.63
CA LYS C 37 -13.02 -2.24 -23.04
C LYS C 37 -14.15 -1.40 -22.47
N VAL C 38 -14.25 -1.36 -21.14
CA VAL C 38 -15.27 -0.59 -20.46
C VAL C 38 -14.68 0.01 -19.18
N ALA C 39 -14.76 1.33 -19.06
CA ALA C 39 -14.20 2.02 -17.91
C ALA C 39 -14.78 3.42 -17.79
N PHE C 40 -14.94 3.88 -16.54
CA PHE C 40 -15.42 5.23 -16.29
C PHE C 40 -14.73 5.84 -15.07
N SER C 41 -14.69 7.16 -15.02
CA SER C 41 -14.07 7.87 -13.90
C SER C 41 -14.69 9.26 -13.77
N ALA C 42 -15.17 9.58 -12.57
CA ALA C 42 -15.85 10.84 -12.32
C ALA C 42 -15.39 11.46 -11.00
N ILE C 43 -15.40 12.79 -10.94
CA ILE C 43 -14.99 13.51 -9.74
C ILE C 43 -15.93 14.67 -9.41
N ARG C 44 -15.96 15.04 -8.14
CA ARG C 44 -16.66 16.24 -7.69
C ARG C 44 -15.66 17.38 -7.62
N SER C 45 -15.78 18.33 -8.53
CA SER C 45 -14.77 19.37 -8.72
C SER C 45 -15.10 20.70 -8.05
N THR C 46 -16.18 20.76 -7.27
CA THR C 46 -16.64 22.03 -6.71
C THR C 46 -17.20 21.94 -5.29
N ASN C 47 -17.16 23.07 -4.61
CA ASN C 47 -17.71 23.22 -3.26
C ASN C 47 -19.23 23.20 -3.23
N HIS C 48 -19.85 23.26 -4.41
CA HIS C 48 -21.30 23.45 -4.53
C HIS C 48 -22.11 22.54 -3.64
N GLU C 49 -23.22 23.08 -3.12
CA GLU C 49 -24.05 22.37 -2.17
C GLU C 49 -24.91 21.32 -2.87
N PRO C 50 -25.45 20.36 -2.10
CA PRO C 50 -26.38 19.38 -2.66
C PRO C 50 -27.62 20.04 -3.27
N SER C 51 -28.00 19.60 -4.46
CA SER C 51 -29.22 20.10 -5.10
C SER C 51 -30.43 19.62 -4.33
N GLU C 52 -31.58 20.24 -4.58
CA GLU C 52 -32.81 19.83 -3.94
C GLU C 52 -33.13 18.39 -4.33
N MET C 53 -32.70 18.01 -5.53
CA MET C 53 -32.86 16.64 -6.00
C MET C 53 -32.01 15.66 -5.17
N SER C 54 -30.81 16.09 -4.81
CA SER C 54 -29.90 15.27 -4.03
C SER C 54 -30.53 14.93 -2.69
N ASN C 55 -31.16 15.93 -2.07
CA ASN C 55 -31.88 15.74 -0.82
C ASN C 55 -32.97 14.69 -0.90
N ARG C 56 -33.58 14.54 -2.07
CA ARG C 56 -34.69 13.59 -2.21
C ARG C 56 -34.20 12.17 -2.47
N THR C 57 -33.31 12.03 -3.45
CA THR C 57 -32.87 10.72 -3.93
C THR C 57 -31.70 10.15 -3.12
N MET C 58 -31.01 11.02 -2.38
CA MET C 58 -29.86 10.65 -1.57
C MET C 58 -28.71 10.09 -2.40
N ILE C 59 -28.73 10.37 -3.70
CA ILE C 59 -27.65 9.94 -4.59
C ILE C 59 -26.54 10.97 -4.63
N ILE C 60 -25.30 10.49 -4.59
CA ILE C 60 -24.14 11.35 -4.67
C ILE C 60 -23.78 11.60 -6.13
N TYR C 61 -23.79 12.86 -6.53
CA TYR C 61 -23.58 13.23 -7.92
C TYR C 61 -22.16 13.75 -8.19
N PHE C 62 -21.61 13.36 -9.34
CA PHE C 62 -20.29 13.80 -9.76
C PHE C 62 -20.40 14.56 -11.08
N ASP C 63 -20.00 15.82 -11.07
CA ASP C 63 -20.23 16.71 -12.21
C ASP C 63 -19.23 16.49 -13.35
N GLN C 64 -17.98 16.20 -13.00
CA GLN C 64 -16.91 16.09 -14.00
C GLN C 64 -16.48 14.65 -14.25
N VAL C 65 -16.50 14.26 -15.53
CA VAL C 65 -16.16 12.90 -15.94
C VAL C 65 -14.81 12.88 -16.65
N LEU C 66 -13.83 12.23 -16.03
CA LEU C 66 -12.49 12.12 -16.60
C LEU C 66 -12.44 11.03 -17.66
N VAL C 67 -13.18 9.95 -17.43
CA VAL C 67 -13.18 8.79 -18.31
C VAL C 67 -14.60 8.23 -18.45
N ASN C 68 -14.95 7.82 -19.66
CA ASN C 68 -16.23 7.15 -19.88
C ASN C 68 -16.23 6.35 -21.18
N ILE C 69 -15.31 5.39 -21.26
CA ILE C 69 -15.23 4.50 -22.42
C ILE C 69 -16.47 3.61 -22.49
N GLY C 70 -17.07 3.55 -23.66
CA GLY C 70 -18.30 2.81 -23.86
C GLY C 70 -19.51 3.66 -23.52
N ASN C 71 -19.25 4.85 -22.96
CA ASN C 71 -20.29 5.78 -22.52
C ASN C 71 -21.38 5.09 -21.70
N ASN C 72 -20.96 4.20 -20.81
CA ASN C 72 -21.88 3.43 -19.97
C ASN C 72 -22.18 4.12 -18.64
N PHE C 73 -21.48 5.23 -18.39
CA PHE C 73 -21.74 6.03 -17.20
C PHE C 73 -22.60 7.24 -17.53
N ASP C 74 -23.76 7.33 -16.86
CA ASP C 74 -24.68 8.44 -17.05
C ASP C 74 -24.36 9.57 -16.07
N SER C 75 -23.75 10.63 -16.58
CA SER C 75 -23.30 11.73 -15.75
C SER C 75 -24.48 12.41 -15.04
N GLU C 76 -25.62 12.48 -15.72
CA GLU C 76 -26.79 13.17 -15.18
C GLU C 76 -27.30 12.53 -13.91
N ARG C 77 -27.37 11.20 -13.90
CA ARG C 77 -27.84 10.45 -12.74
C ARG C 77 -26.70 9.79 -11.98
N SER C 78 -25.47 9.99 -12.47
CA SER C 78 -24.27 9.46 -11.83
C SER C 78 -24.42 7.96 -11.58
N THR C 79 -24.84 7.24 -12.61
CA THR C 79 -25.09 5.80 -12.53
C THR C 79 -24.38 5.05 -13.64
N PHE C 80 -23.75 3.93 -13.29
CA PHE C 80 -23.12 3.06 -14.27
C PHE C 80 -24.05 1.91 -14.65
N ILE C 81 -24.40 1.84 -15.93
CA ILE C 81 -25.22 0.74 -16.45
C ILE C 81 -24.34 -0.25 -17.21
N ALA C 82 -24.22 -1.46 -16.66
CA ALA C 82 -23.37 -2.49 -17.25
C ALA C 82 -23.82 -2.83 -18.67
N PRO C 83 -22.91 -2.73 -19.65
CA PRO C 83 -23.26 -3.06 -21.04
C PRO C 83 -23.31 -4.55 -21.31
N ARG C 84 -22.75 -5.36 -20.41
CA ARG C 84 -22.69 -6.80 -20.61
C ARG C 84 -22.38 -7.53 -19.31
N LYS C 85 -22.53 -8.85 -19.34
CA LYS C 85 -22.25 -9.68 -18.17
C LYS C 85 -20.75 -9.84 -17.99
N GLY C 86 -20.27 -9.52 -16.78
CA GLY C 86 -18.86 -9.67 -16.47
C GLY C 86 -18.55 -9.30 -15.03
N ILE C 87 -17.26 -9.30 -14.70
CA ILE C 87 -16.79 -8.87 -13.39
C ILE C 87 -16.30 -7.44 -13.47
N TYR C 88 -16.93 -6.57 -12.68
CA TYR C 88 -16.58 -5.15 -12.67
C TYR C 88 -15.90 -4.76 -11.37
N SER C 89 -14.97 -3.82 -11.48
CA SER C 89 -14.30 -3.24 -10.32
C SER C 89 -14.89 -1.87 -10.04
N PHE C 90 -15.04 -1.55 -8.75
CA PHE C 90 -15.54 -0.24 -8.35
C PHE C 90 -14.74 0.32 -7.18
N ASN C 91 -14.50 1.62 -7.23
CA ASN C 91 -13.84 2.34 -6.15
C ASN C 91 -14.47 3.71 -6.00
N PHE C 92 -14.59 4.18 -4.76
CA PHE C 92 -15.10 5.52 -4.51
C PHE C 92 -14.47 6.14 -3.28
N HIS C 93 -14.23 7.45 -3.36
CA HIS C 93 -13.79 8.23 -2.21
C HIS C 93 -14.68 9.46 -2.12
N VAL C 94 -15.50 9.52 -1.06
CA VAL C 94 -16.37 10.66 -0.84
C VAL C 94 -15.77 11.55 0.25
N VAL C 95 -15.29 12.72 -0.16
CA VAL C 95 -14.62 13.64 0.75
C VAL C 95 -15.58 14.69 1.28
N LYS C 96 -15.73 14.76 2.59
CA LYS C 96 -16.62 15.74 3.20
C LYS C 96 -15.85 16.70 4.10
N VAL C 97 -16.54 17.77 4.50
CA VAL C 97 -15.97 18.77 5.40
C VAL C 97 -16.78 18.83 6.70
N TYR C 98 -16.28 19.60 7.66
CA TYR C 98 -16.94 19.76 8.95
C TYR C 98 -18.33 20.35 8.76
N ASN C 99 -19.36 19.54 9.02
CA ASN C 99 -20.74 19.97 8.85
C ASN C 99 -21.68 19.52 9.98
N ARG C 100 -21.11 19.15 11.12
CA ARG C 100 -21.88 18.72 12.31
C ARG C 100 -22.51 17.34 12.10
N GLN C 101 -22.15 16.67 11.01
CA GLN C 101 -22.72 15.36 10.67
C GLN C 101 -21.66 14.30 10.42
N THR C 102 -22.02 13.06 10.75
CA THR C 102 -21.25 11.89 10.35
C THR C 102 -22.02 11.20 9.23
N ILE C 103 -21.30 10.72 8.22
CA ILE C 103 -21.95 10.18 7.03
C ILE C 103 -21.69 8.69 6.82
N GLN C 104 -22.50 8.09 5.96
CA GLN C 104 -22.28 6.72 5.50
C GLN C 104 -22.62 6.65 4.03
N VAL C 105 -21.63 6.31 3.21
CA VAL C 105 -21.83 6.16 1.78
C VAL C 105 -21.86 4.69 1.44
N SER C 106 -22.82 4.30 0.61
CA SER C 106 -22.94 2.91 0.17
C SER C 106 -22.95 2.81 -1.35
N LEU C 107 -22.24 1.81 -1.86
CA LEU C 107 -22.31 1.46 -3.27
C LEU C 107 -23.55 0.64 -3.50
N MET C 108 -24.41 1.11 -4.39
CA MET C 108 -25.69 0.49 -4.63
C MET C 108 -25.67 -0.35 -5.90
N LEU C 109 -26.34 -1.49 -5.87
CA LEU C 109 -26.52 -2.33 -7.05
C LEU C 109 -28.00 -2.64 -7.23
N ASN C 110 -28.64 -1.97 -8.18
CA ASN C 110 -30.07 -2.12 -8.41
C ASN C 110 -30.85 -1.83 -7.14
N GLY C 111 -30.49 -0.74 -6.47
CA GLY C 111 -31.20 -0.31 -5.28
C GLY C 111 -30.85 -1.07 -4.02
N TRP C 112 -29.83 -1.93 -4.09
CA TRP C 112 -29.41 -2.69 -2.92
C TRP C 112 -27.96 -2.38 -2.57
N PRO C 113 -27.68 -2.19 -1.27
CA PRO C 113 -26.30 -1.86 -0.89
C PRO C 113 -25.37 -3.07 -1.00
N VAL C 114 -24.16 -2.83 -1.53
CA VAL C 114 -23.14 -3.86 -1.64
C VAL C 114 -22.06 -3.67 -0.57
N ILE C 115 -21.46 -2.48 -0.56
CA ILE C 115 -20.44 -2.13 0.42
C ILE C 115 -20.72 -0.73 0.97
N SER C 116 -20.12 -0.43 2.13
CA SER C 116 -20.32 0.87 2.76
C SER C 116 -19.02 1.46 3.28
N ALA C 117 -19.02 2.78 3.44
CA ALA C 117 -17.89 3.50 4.01
C ALA C 117 -18.40 4.58 4.95
N PHE C 118 -17.56 4.99 5.90
CA PHE C 118 -17.95 5.94 6.92
C PHE C 118 -16.93 7.07 7.05
N ALA C 119 -17.35 8.17 7.67
CA ALA C 119 -16.47 9.31 7.90
C ALA C 119 -16.94 10.12 9.10
N GLY C 120 -16.04 10.33 10.06
CA GLY C 120 -16.39 11.04 11.28
C GLY C 120 -16.50 12.53 11.05
N ASP C 121 -16.71 13.29 12.11
CA ASP C 121 -16.79 14.75 12.01
C ASP C 121 -15.77 15.48 12.87
N GLN C 122 -14.87 16.23 12.24
CA GLN C 122 -13.92 17.07 12.95
C GLN C 122 -13.43 18.17 12.01
N ASP C 123 -12.85 19.23 12.58
CA ASP C 123 -12.52 20.43 11.83
C ASP C 123 -11.08 20.45 11.25
N VAL C 124 -10.15 19.80 11.93
CA VAL C 124 -8.73 19.89 11.56
C VAL C 124 -8.43 19.52 10.11
N THR C 125 -9.25 18.64 9.52
CA THR C 125 -9.00 18.18 8.15
C THR C 125 -10.26 17.66 7.47
N ARG C 126 -10.18 17.48 6.15
CA ARG C 126 -11.20 16.72 5.44
C ARG C 126 -10.89 15.24 5.65
N GLU C 127 -11.92 14.40 5.68
CA GLU C 127 -11.71 12.96 5.66
C GLU C 127 -12.66 12.33 4.65
N ALA C 128 -12.31 11.13 4.20
CA ALA C 128 -13.02 10.48 3.10
C ALA C 128 -13.63 9.15 3.50
N ALA C 129 -14.87 8.94 3.05
CA ALA C 129 -15.52 7.64 3.14
C ALA C 129 -15.15 6.83 1.90
N SER C 130 -14.23 5.88 2.07
CA SER C 130 -13.66 5.14 0.95
C SER C 130 -13.87 3.64 1.07
N ASN C 131 -14.16 3.02 -0.08
CA ASN C 131 -14.22 1.57 -0.17
C ASN C 131 -14.24 1.14 -1.63
N GLY C 132 -14.11 -0.16 -1.87
CA GLY C 132 -14.08 -0.68 -3.22
C GLY C 132 -14.34 -2.17 -3.23
N VAL C 133 -14.72 -2.70 -4.39
CA VAL C 133 -15.11 -4.10 -4.47
C VAL C 133 -15.19 -4.57 -5.92
N LEU C 134 -15.04 -5.89 -6.09
CA LEU C 134 -15.30 -6.54 -7.37
C LEU C 134 -16.66 -7.23 -7.26
N ILE C 135 -17.53 -6.99 -8.24
CA ILE C 135 -18.83 -7.65 -8.27
C ILE C 135 -19.20 -8.11 -9.67
N GLN C 136 -19.95 -9.19 -9.74
CA GLN C 136 -20.50 -9.65 -11.01
C GLN C 136 -21.77 -8.88 -11.32
N MET C 137 -21.87 -8.39 -12.54
CA MET C 137 -23.05 -7.67 -13.01
C MET C 137 -23.53 -8.28 -14.32
N GLU C 138 -24.84 -8.22 -14.54
CA GLU C 138 -25.43 -8.58 -15.83
C GLU C 138 -25.78 -7.29 -16.56
N LYS C 139 -26.09 -7.40 -17.85
CA LYS C 139 -26.47 -6.23 -18.63
C LYS C 139 -27.68 -5.52 -18.04
N GLY C 140 -27.60 -4.20 -17.97
CA GLY C 140 -28.68 -3.38 -17.48
C GLY C 140 -28.69 -3.22 -15.97
N ASP C 141 -27.69 -3.80 -15.30
CA ASP C 141 -27.56 -3.61 -13.86
C ASP C 141 -27.03 -2.21 -13.58
N ARG C 142 -27.57 -1.57 -12.54
CA ARG C 142 -27.28 -0.18 -12.24
C ARG C 142 -26.39 -0.07 -11.00
N ALA C 143 -25.30 0.68 -11.13
CA ALA C 143 -24.37 0.94 -10.03
C ALA C 143 -24.26 2.43 -9.75
N TYR C 144 -24.35 2.80 -8.47
CA TYR C 144 -24.27 4.20 -8.08
C TYR C 144 -24.05 4.35 -6.58
N LEU C 145 -23.73 5.56 -6.14
CA LEU C 145 -23.48 5.82 -4.72
C LEU C 145 -24.65 6.53 -4.05
N LYS C 146 -25.03 6.05 -2.87
CA LYS C 146 -26.11 6.64 -2.09
C LYS C 146 -25.62 7.02 -0.70
N LEU C 147 -26.07 8.17 -0.24
CA LEU C 147 -25.74 8.66 1.10
C LEU C 147 -26.72 8.10 2.13
N GLU C 148 -26.32 7.03 2.81
CA GLU C 148 -27.20 6.33 3.73
C GLU C 148 -27.51 7.12 5.00
N ARG C 149 -26.63 8.04 5.38
CA ARG C 149 -26.84 8.83 6.58
C ARG C 149 -26.04 10.12 6.55
N GLY C 150 -26.50 11.11 7.31
CA GLY C 150 -25.86 12.41 7.36
C GLY C 150 -26.10 13.19 6.09
N ASN C 151 -25.40 14.31 5.93
CA ASN C 151 -25.50 15.12 4.72
C ASN C 151 -24.13 15.61 4.27
N LEU C 152 -24.09 16.17 3.06
CA LEU C 152 -22.86 16.68 2.48
C LEU C 152 -22.92 18.20 2.32
N MET C 153 -23.46 18.87 3.33
CA MET C 153 -23.42 20.33 3.36
C MET C 153 -21.95 20.73 3.43
N GLY C 154 -21.60 21.82 2.75
CA GLY C 154 -20.21 22.21 2.62
C GLY C 154 -19.59 21.58 1.38
N GLY C 155 -20.41 20.84 0.65
CA GLY C 155 -19.98 20.21 -0.58
C GLY C 155 -19.22 18.92 -0.34
N TRP C 156 -18.93 18.20 -1.42
CA TRP C 156 -18.13 16.99 -1.35
C TRP C 156 -17.07 17.03 -2.45
N LYS C 157 -16.43 18.19 -2.55
CA LYS C 157 -15.36 18.41 -3.51
C LYS C 157 -14.22 17.42 -3.29
N TYR C 158 -13.55 17.06 -4.38
CA TYR C 158 -12.44 16.08 -4.40
C TYR C 158 -12.93 14.64 -4.28
N SER C 159 -14.23 14.44 -4.22
CA SER C 159 -14.77 13.08 -4.19
C SER C 159 -14.52 12.41 -5.53
N THR C 160 -14.34 11.10 -5.51
CA THR C 160 -14.06 10.35 -6.72
C THR C 160 -14.89 9.06 -6.78
N PHE C 161 -15.26 8.69 -7.99
CA PHE C 161 -16.00 7.47 -8.25
C PHE C 161 -15.56 6.91 -9.60
N SER C 162 -15.02 5.70 -9.59
CA SER C 162 -14.50 5.09 -10.81
C SER C 162 -14.75 3.59 -10.83
N GLY C 163 -14.70 3.01 -12.03
CA GLY C 163 -14.90 1.58 -12.20
C GLY C 163 -14.59 1.13 -13.61
N PHE C 164 -14.39 -0.17 -13.78
CA PHE C 164 -14.08 -0.72 -15.09
C PHE C 164 -14.38 -2.22 -15.17
N LEU C 165 -14.60 -2.70 -16.38
CA LEU C 165 -14.80 -4.13 -16.62
C LEU C 165 -13.46 -4.86 -16.54
N VAL C 166 -13.32 -5.74 -15.56
CA VAL C 166 -12.10 -6.50 -15.39
C VAL C 166 -12.02 -7.55 -16.50
N PHE C 167 -13.06 -8.37 -16.61
CA PHE C 167 -13.22 -9.27 -17.73
C PHE C 167 -14.68 -9.70 -17.87
N PRO C 168 -15.13 -9.95 -19.10
CA PRO C 168 -16.52 -10.36 -19.31
C PRO C 168 -16.77 -11.83 -18.97
N LEU C 169 -18.04 -12.24 -18.97
CA LEU C 169 -18.40 -13.62 -18.71
C LEU C 169 -19.50 -14.08 -19.66
N SER D 35 32.76 -29.44 1.42
CA SER D 35 33.21 -28.38 2.31
C SER D 35 32.06 -27.81 3.13
N ALA D 36 31.98 -28.21 4.40
CA ALA D 36 30.97 -27.73 5.32
C ALA D 36 31.50 -26.54 6.14
N LYS D 37 32.68 -26.05 5.75
CA LYS D 37 33.30 -24.92 6.44
C LYS D 37 33.04 -23.62 5.70
N VAL D 38 32.17 -22.80 6.26
CA VAL D 38 31.81 -21.52 5.67
C VAL D 38 31.62 -20.49 6.78
N ALA D 39 32.37 -19.39 6.69
CA ALA D 39 32.31 -18.35 7.70
C ALA D 39 32.90 -17.05 7.18
N PHE D 40 32.35 -15.93 7.63
CA PHE D 40 32.86 -14.62 7.26
C PHE D 40 32.75 -13.64 8.43
N SER D 41 33.60 -12.62 8.40
CA SER D 41 33.60 -11.60 9.45
C SER D 41 34.16 -10.29 8.90
N ALA D 42 33.40 -9.21 9.05
CA ALA D 42 33.78 -7.91 8.52
C ALA D 42 33.54 -6.81 9.53
N ILE D 43 34.35 -5.76 9.47
CA ILE D 43 34.21 -4.62 10.38
C ILE D 43 34.38 -3.28 9.66
N ARG D 44 33.79 -2.25 10.24
CA ARG D 44 33.99 -0.87 9.78
C ARG D 44 35.10 -0.25 10.62
N SER D 45 36.26 -0.02 10.00
CA SER D 45 37.46 0.36 10.73
C SER D 45 37.76 1.86 10.69
N THR D 46 36.85 2.66 10.13
CA THR D 46 37.13 4.09 9.93
C THR D 46 35.94 5.01 10.15
N ASN D 47 36.25 6.26 10.48
CA ASN D 47 35.26 7.32 10.65
C ASN D 47 34.60 7.76 9.34
N HIS D 48 35.14 7.29 8.22
CA HIS D 48 34.76 7.77 6.89
C HIS D 48 33.25 7.83 6.69
N GLU D 49 32.82 8.85 5.95
CA GLU D 49 31.40 9.11 5.74
C GLU D 49 30.82 8.15 4.71
N PRO D 50 29.49 8.03 4.68
CA PRO D 50 28.83 7.21 3.65
C PRO D 50 29.14 7.71 2.24
N SER D 51 29.46 6.78 1.34
CA SER D 51 29.69 7.13 -0.05
C SER D 51 28.39 7.56 -0.69
N GLU D 52 28.49 8.22 -1.85
CA GLU D 52 27.29 8.63 -2.58
C GLU D 52 26.48 7.40 -2.97
N MET D 53 27.17 6.28 -3.16
CA MET D 53 26.52 5.01 -3.45
C MET D 53 25.71 4.52 -2.25
N SER D 54 26.25 4.71 -1.05
CA SER D 54 25.58 4.30 0.17
C SER D 54 24.25 5.00 0.31
N ASN D 55 24.25 6.30 0.01
CA ASN D 55 23.03 7.09 0.02
C ASN D 55 21.94 6.57 -0.91
N ARG D 56 22.34 5.93 -2.00
CA ARG D 56 21.37 5.44 -2.98
C ARG D 56 20.82 4.08 -2.59
N THR D 57 21.72 3.14 -2.31
CA THR D 57 21.35 1.75 -2.08
C THR D 57 20.94 1.47 -0.63
N MET D 58 21.32 2.35 0.28
CA MET D 58 21.02 2.22 1.70
C MET D 58 21.67 0.99 2.32
N ILE D 59 22.68 0.45 1.64
CA ILE D 59 23.40 -0.71 2.16
C ILE D 59 24.56 -0.27 3.05
N ILE D 60 24.73 -0.97 4.16
CA ILE D 60 25.82 -0.68 5.08
C ILE D 60 27.06 -1.46 4.67
N TYR D 61 28.13 -0.73 4.37
CA TYR D 61 29.35 -1.33 3.84
C TYR D 61 30.44 -1.49 4.91
N PHE D 62 31.15 -2.61 4.84
CA PHE D 62 32.25 -2.91 5.75
C PHE D 62 33.53 -3.08 4.97
N ASP D 63 34.51 -2.22 5.24
CA ASP D 63 35.72 -2.16 4.42
C ASP D 63 36.73 -3.27 4.74
N GLN D 64 36.83 -3.65 6.01
CA GLN D 64 37.83 -4.62 6.45
C GLN D 64 37.23 -5.98 6.78
N VAL D 65 37.79 -7.02 6.15
CA VAL D 65 37.32 -8.39 6.33
C VAL D 65 38.31 -9.21 7.15
N LEU D 66 37.89 -9.61 8.34
CA LEU D 66 38.73 -10.41 9.23
C LEU D 66 38.72 -11.88 8.82
N VAL D 67 37.57 -12.34 8.35
CA VAL D 67 37.38 -13.74 7.99
C VAL D 67 36.53 -13.84 6.73
N ASN D 68 36.89 -14.77 5.84
CA ASN D 68 36.07 -15.05 4.67
C ASN D 68 36.38 -16.41 4.07
N ILE D 69 36.19 -17.46 4.88
CA ILE D 69 36.39 -18.82 4.43
C ILE D 69 35.35 -19.18 3.38
N GLY D 70 35.81 -19.76 2.28
CA GLY D 70 34.95 -20.08 1.15
C GLY D 70 34.79 -18.88 0.22
N ASN D 71 35.31 -17.75 0.66
CA ASN D 71 35.20 -16.48 -0.08
C ASN D 71 33.78 -16.22 -0.57
N ASN D 72 32.81 -16.48 0.29
CA ASN D 72 31.40 -16.31 -0.05
C ASN D 72 30.87 -14.93 0.30
N PHE D 73 31.71 -14.13 0.96
CA PHE D 73 31.36 -12.76 1.29
C PHE D 73 32.00 -11.79 0.30
N ASP D 74 31.16 -11.01 -0.38
CA ASP D 74 31.63 -10.01 -1.34
C ASP D 74 31.87 -8.68 -0.64
N SER D 75 33.13 -8.35 -0.43
CA SER D 75 33.49 -7.13 0.30
C SER D 75 33.01 -5.87 -0.41
N GLU D 76 33.02 -5.90 -1.73
CA GLU D 76 32.65 -4.73 -2.52
C GLU D 76 31.20 -4.32 -2.30
N ARG D 77 30.30 -5.31 -2.27
CA ARG D 77 28.88 -5.07 -2.07
C ARG D 77 28.43 -5.44 -0.66
N SER D 78 29.39 -5.92 0.15
CA SER D 78 29.12 -6.29 1.53
C SER D 78 27.92 -7.24 1.62
N THR D 79 27.94 -8.27 0.79
CA THR D 79 26.85 -9.23 0.71
C THR D 79 27.37 -10.66 0.81
N PHE D 80 26.67 -11.48 1.59
CA PHE D 80 27.00 -12.90 1.71
C PHE D 80 26.11 -13.73 0.79
N ILE D 81 26.74 -14.44 -0.15
CA ILE D 81 26.02 -15.34 -1.05
C ILE D 81 26.22 -16.79 -0.60
N ALA D 82 25.14 -17.42 -0.16
CA ALA D 82 25.20 -18.77 0.35
C ALA D 82 25.69 -19.75 -0.72
N PRO D 83 26.77 -20.50 -0.42
CA PRO D 83 27.30 -21.47 -1.39
C PRO D 83 26.48 -22.76 -1.48
N ARG D 84 25.61 -22.99 -0.50
CA ARG D 84 24.83 -24.22 -0.46
C ARG D 84 23.65 -24.10 0.49
N LYS D 85 22.75 -25.07 0.43
CA LYS D 85 21.59 -25.09 1.30
C LYS D 85 21.97 -25.53 2.70
N GLY D 86 21.60 -24.72 3.69
CA GLY D 86 21.89 -25.05 5.08
C GLY D 86 21.33 -24.01 6.04
N ILE D 87 21.65 -24.18 7.33
CA ILE D 87 21.27 -23.22 8.35
C ILE D 87 22.46 -22.32 8.64
N TYR D 88 22.27 -21.01 8.45
CA TYR D 88 23.32 -20.03 8.65
C TYR D 88 23.02 -19.17 9.87
N SER D 89 24.09 -18.78 10.58
CA SER D 89 23.99 -17.85 11.68
C SER D 89 24.46 -16.48 11.24
N PHE D 90 23.79 -15.43 11.72
CA PHE D 90 24.18 -14.07 11.41
C PHE D 90 24.12 -13.19 12.66
N ASN D 91 25.09 -12.29 12.75
CA ASN D 91 25.14 -11.30 13.81
C ASN D 91 25.67 -9.99 13.27
N PHE D 92 25.13 -8.87 13.74
CA PHE D 92 25.64 -7.57 13.34
C PHE D 92 25.51 -6.55 14.47
N HIS D 93 26.50 -5.67 14.56
CA HIS D 93 26.47 -4.53 15.45
C HIS D 93 26.83 -3.29 14.65
N VAL D 94 25.87 -2.40 14.47
CA VAL D 94 26.11 -1.15 13.75
C VAL D 94 26.23 -0.01 14.76
N VAL D 95 27.44 0.51 14.90
CA VAL D 95 27.74 1.54 15.89
C VAL D 95 27.69 2.92 15.25
N LYS D 96 26.83 3.79 15.77
CA LYS D 96 26.71 5.14 15.23
C LYS D 96 27.07 6.17 16.28
N VAL D 97 27.23 7.41 15.83
CA VAL D 97 27.54 8.54 16.71
C VAL D 97 26.41 9.58 16.64
N TYR D 98 26.51 10.59 17.51
CA TYR D 98 25.51 11.66 17.56
C TYR D 98 25.45 12.39 16.23
N ASN D 99 24.34 12.22 15.51
CA ASN D 99 24.15 12.83 14.20
C ASN D 99 22.75 13.41 13.98
N ARG D 100 22.01 13.64 15.06
CA ARG D 100 20.67 14.23 15.00
C ARG D 100 19.63 13.25 14.44
N GLN D 101 20.04 12.00 14.25
CA GLN D 101 19.18 10.96 13.67
C GLN D 101 19.08 9.72 14.52
N THR D 102 17.92 9.07 14.45
CA THR D 102 17.73 7.72 14.99
C THR D 102 17.69 6.77 13.81
N ILE D 103 18.31 5.60 13.95
CA ILE D 103 18.46 4.68 12.84
C ILE D 103 17.74 3.35 13.06
N GLN D 104 17.56 2.62 11.95
CA GLN D 104 17.06 1.27 12.01
C GLN D 104 17.83 0.43 10.98
N VAL D 105 18.52 -0.58 11.46
CA VAL D 105 19.27 -1.48 10.59
C VAL D 105 18.51 -2.79 10.48
N SER D 106 18.40 -3.30 9.27
CA SER D 106 17.73 -4.57 9.03
C SER D 106 18.62 -5.54 8.27
N LEU D 107 18.60 -6.80 8.69
CA LEU D 107 19.25 -7.87 7.96
C LEU D 107 18.35 -8.28 6.81
N MET D 108 18.88 -8.21 5.60
CA MET D 108 18.10 -8.46 4.40
C MET D 108 18.39 -9.84 3.84
N LEU D 109 17.34 -10.50 3.35
CA LEU D 109 17.47 -11.78 2.66
C LEU D 109 16.77 -11.70 1.31
N ASN D 110 17.57 -11.57 0.24
CA ASN D 110 17.04 -11.42 -1.10
C ASN D 110 16.09 -10.23 -1.17
N GLY D 111 16.51 -9.11 -0.59
CA GLY D 111 15.74 -7.88 -0.64
C GLY D 111 14.58 -7.82 0.34
N TRP D 112 14.49 -8.80 1.22
CA TRP D 112 13.41 -8.81 2.22
C TRP D 112 13.98 -8.78 3.64
N PRO D 113 13.40 -7.95 4.51
CA PRO D 113 13.92 -7.87 5.88
C PRO D 113 13.59 -9.11 6.70
N VAL D 114 14.58 -9.58 7.47
CA VAL D 114 14.41 -10.72 8.36
C VAL D 114 14.29 -10.25 9.81
N ILE D 115 15.31 -9.52 10.27
CA ILE D 115 15.33 -8.96 11.62
C ILE D 115 15.76 -7.51 11.57
N SER D 116 15.47 -6.76 12.63
CA SER D 116 15.81 -5.35 12.70
C SER D 116 16.40 -4.96 14.05
N ALA D 117 17.16 -3.87 14.04
CA ALA D 117 17.72 -3.31 15.27
C ALA D 117 17.61 -1.79 15.22
N PHE D 118 17.62 -1.16 16.39
CA PHE D 118 17.42 0.27 16.50
C PHE D 118 18.48 0.92 17.39
N ALA D 119 18.63 2.23 17.26
CA ALA D 119 19.59 2.98 18.07
C ALA D 119 19.14 4.43 18.21
N GLY D 120 19.05 4.90 19.45
CA GLY D 120 18.58 6.26 19.72
C GLY D 120 19.65 7.28 19.41
N ASP D 121 19.38 8.54 19.71
CA ASP D 121 20.36 9.61 19.50
C ASP D 121 20.70 10.38 20.78
N GLN D 122 21.96 10.33 21.19
CA GLN D 122 22.44 11.12 22.32
C GLN D 122 23.96 11.25 22.22
N ASP D 123 24.52 12.23 22.93
CA ASP D 123 25.92 12.61 22.78
C ASP D 123 26.88 11.88 23.73
N VAL D 124 26.41 11.51 24.93
CA VAL D 124 27.29 10.96 25.97
C VAL D 124 28.10 9.74 25.52
N THR D 125 27.58 8.96 24.58
CA THR D 125 28.26 7.74 24.14
C THR D 125 27.83 7.31 22.74
N ARG D 126 28.59 6.37 22.17
CA ARG D 126 28.13 5.65 20.99
C ARG D 126 27.17 4.58 21.44
N GLU D 127 26.18 4.25 20.62
CA GLU D 127 25.34 3.08 20.87
C GLU D 127 25.19 2.28 19.59
N ALA D 128 24.83 1.01 19.74
CA ALA D 128 24.84 0.07 18.63
C ALA D 128 23.47 -0.52 18.36
N ALA D 129 23.12 -0.60 17.08
CA ALA D 129 21.95 -1.35 16.65
C ALA D 129 22.36 -2.80 16.39
N SER D 130 22.00 -3.68 17.33
CA SER D 130 22.48 -5.05 17.32
C SER D 130 21.35 -6.08 17.29
N ASN D 131 21.55 -7.13 16.51
CA ASN D 131 20.65 -8.26 16.50
C ASN D 131 21.30 -9.43 15.78
N GLY D 132 20.66 -10.60 15.85
CA GLY D 132 21.20 -11.80 15.25
C GLY D 132 20.14 -12.87 15.10
N VAL D 133 20.38 -13.84 14.24
CA VAL D 133 19.36 -14.84 13.94
C VAL D 133 19.94 -16.03 13.18
N LEU D 134 19.27 -17.17 13.30
CA LEU D 134 19.55 -18.33 12.48
C LEU D 134 18.49 -18.41 11.39
N ILE D 135 18.91 -18.56 10.14
CA ILE D 135 17.97 -18.71 9.04
C ILE D 135 18.41 -19.77 8.06
N GLN D 136 17.44 -20.42 7.42
CA GLN D 136 17.72 -21.36 6.36
C GLN D 136 17.91 -20.60 5.06
N MET D 137 18.98 -20.92 4.34
CA MET D 137 19.25 -20.32 3.05
C MET D 137 19.50 -21.40 2.01
N GLU D 138 19.14 -21.13 0.76
CA GLU D 138 19.49 -21.99 -0.36
C GLU D 138 20.64 -21.34 -1.11
N LYS D 139 21.28 -22.09 -2.01
CA LYS D 139 22.39 -21.56 -2.80
C LYS D 139 21.96 -20.33 -3.60
N GLY D 140 22.82 -19.31 -3.58
CA GLY D 140 22.59 -18.09 -4.31
C GLY D 140 21.72 -17.08 -3.59
N ASP D 141 21.32 -17.40 -2.35
CA ASP D 141 20.58 -16.46 -1.53
C ASP D 141 21.53 -15.38 -1.03
N ARG D 142 21.05 -14.13 -1.02
CA ARG D 142 21.89 -12.99 -0.69
C ARG D 142 21.53 -12.42 0.69
N ALA D 143 22.56 -12.24 1.52
CA ALA D 143 22.39 -11.67 2.86
C ALA D 143 23.23 -10.41 3.00
N TYR D 144 22.61 -9.35 3.53
CA TYR D 144 23.31 -8.07 3.70
C TYR D 144 22.52 -7.14 4.64
N LEU D 145 23.16 -6.04 5.06
CA LEU D 145 22.54 -5.09 5.96
C LEU D 145 22.08 -3.83 5.23
N LYS D 146 20.86 -3.40 5.52
CA LYS D 146 20.30 -2.19 4.93
C LYS D 146 19.86 -1.23 6.03
N LEU D 147 20.12 0.06 5.79
CA LEU D 147 19.72 1.12 6.72
C LEU D 147 18.30 1.58 6.40
N GLU D 148 17.33 1.05 7.15
CA GLU D 148 15.92 1.32 6.88
C GLU D 148 15.49 2.74 7.19
N ARG D 149 16.21 3.42 8.08
CA ARG D 149 15.86 4.78 8.46
C ARG D 149 17.06 5.51 9.06
N GLY D 150 17.02 6.84 8.99
CA GLY D 150 18.10 7.67 9.49
C GLY D 150 19.32 7.58 8.60
N ASN D 151 20.43 8.14 9.06
CA ASN D 151 21.69 8.08 8.33
C ASN D 151 22.86 7.79 9.26
N LEU D 152 24.02 7.50 8.66
CA LEU D 152 25.22 7.20 9.42
C LEU D 152 26.29 8.27 9.19
N MET D 153 25.86 9.53 9.18
CA MET D 153 26.80 10.64 9.15
C MET D 153 27.62 10.57 10.43
N GLY D 154 28.91 10.90 10.34
CA GLY D 154 29.82 10.72 11.44
C GLY D 154 30.45 9.34 11.41
N GLY D 155 30.10 8.57 10.38
CA GLY D 155 30.66 7.24 10.18
C GLY D 155 29.98 6.20 11.05
N TRP D 156 30.32 4.94 10.80
CA TRP D 156 29.82 3.84 11.60
C TRP D 156 30.98 2.93 11.98
N LYS D 157 32.07 3.57 12.41
CA LYS D 157 33.26 2.86 12.84
C LYS D 157 32.94 1.91 14.00
N TYR D 158 33.69 0.82 14.08
CA TYR D 158 33.51 -0.25 15.07
C TYR D 158 32.30 -1.14 14.80
N SER D 159 31.60 -0.88 13.71
CA SER D 159 30.47 -1.74 13.35
C SER D 159 31.00 -3.11 12.94
N THR D 160 30.21 -4.14 13.18
CA THR D 160 30.61 -5.51 12.87
C THR D 160 29.48 -6.27 12.20
N PHE D 161 29.85 -7.16 11.29
CA PHE D 161 28.92 -8.04 10.61
C PHE D 161 29.60 -9.38 10.36
N SER D 162 29.03 -10.44 10.89
CA SER D 162 29.64 -11.77 10.77
C SER D 162 28.58 -12.85 10.63
N GLY D 163 28.98 -14.01 10.13
CA GLY D 163 28.08 -15.13 9.95
C GLY D 163 28.81 -16.39 9.55
N PHE D 164 28.17 -17.54 9.72
CA PHE D 164 28.78 -18.81 9.37
C PHE D 164 27.73 -19.90 9.16
N LEU D 165 28.10 -20.93 8.40
CA LEU D 165 27.24 -22.09 8.20
C LEU D 165 27.27 -22.97 9.44
N VAL D 166 26.12 -23.10 10.09
CA VAL D 166 26.02 -23.93 11.29
C VAL D 166 26.09 -25.40 10.87
N PHE D 167 25.19 -25.78 9.96
CA PHE D 167 25.26 -27.08 9.31
C PHE D 167 24.48 -27.07 8.01
N PRO D 168 24.91 -27.87 7.03
CA PRO D 168 24.21 -27.90 5.74
C PRO D 168 22.94 -28.74 5.79
N LEU D 169 22.15 -28.69 4.71
CA LEU D 169 20.94 -29.49 4.61
C LEU D 169 20.80 -30.08 3.21
#